data_9GVO
#
_entry.id   9GVO
#
_cell.length_a   112.93
_cell.length_b   112.93
_cell.length_c   155.974
_cell.angle_alpha   90
_cell.angle_beta   90
_cell.angle_gamma   120
#
_symmetry.space_group_name_H-M   'P 31 2 1'
#
loop_
_entity.id
_entity.type
_entity.pdbx_description
1 polymer 'scFv type-I interferons autoantibody pmab14'
2 polymer 'Interferon alpha-2'
3 polymer 'scFv type-I interferons autoantibody pmab15'
4 non-polymer GLYCEROL
5 non-polymer 'PHOSPHATE ION'
6 non-polymer 'POTASSIUM ION'
7 water water
#
loop_
_entity_poly.entity_id
_entity_poly.type
_entity_poly.pdbx_seq_one_letter_code
_entity_poly.pdbx_strand_id
1 'polypeptide(L)'
;RSEVQLVESGGGLVQPGGSLRLSCAASGFTFSSHAMSWVRQPPGKGLEWVSSISAAGGSTYYAASVKGRFTISRDNSNKT
LYLQMNSLRAEDTAIYYCAKESDRVTTLDWFDPWGQGTLVTVSSGTGGSGGGGSGGGGSGGGASDIQMTQSPSSLSASVG
DRVTITCRASQSISSYLNWYQQKPGQAPKLLIYAASSLQTGVPSRFSGSGSGTDFTLTISSLQPEDFATYYCQQSYITPL
TFGGGTKVEIKGPFEDDDDKAGWSHPQFEKGGGSGGGSGGGSWSHPQFEK
;
A
2 'polypeptide(L)'
;CDLPQTHSLGSRRTLMLLAQMRRISLFSCLKDRHDFGFPQEEFGNQFQKAETIPVLHEMIQQIFNLFSTKDSSAAWDETL
LDKFYTELYQQLNDLEACVIQGVGVTETPLMKEDSILAVRKYFQRITLYLKEKKYSPCAWEVVRAEIMRSFSLSTNLQES
LRSKEGGGGSLVPRGSGGGSHHHHHHHH
;
B
3 'polypeptide(L)'
;RSEVQLVESGGDLVQPGGSLRLSCAASGFTFSGYAMAWVRQAPGKEMQWVSSISDDGGTSYYADSVEGRFTVSRDNSRSS
LYLQINNLRAGDTAVYHCARDHGGNDYGDFGHFDLWGRGTLVTVSSGTGGSGGGGSGGGGSGGGASEIVLTQSPGTLSLS
PGEGATLSCRASQRVSNNYLAWYQHRPGQAPRLLIYGASSRATGIPDRFRGSGSGTDFTLTISRLEPEDFAVYFCQQYGS
APPWTFGQGTKVEIKGPFEDDDDKAGWSHPQFEKGGGSGGGSGGGSWSHPQFEK
;
H
#
loop_
_chem_comp.id
_chem_comp.type
_chem_comp.name
_chem_comp.formula
GOL non-polymer GLYCEROL 'C3 H8 O3'
K non-polymer 'POTASSIUM ION' 'K 1'
PO4 non-polymer 'PHOSPHATE ION' 'O4 P -3'
#
# COMPACT_ATOMS: atom_id res chain seq x y z
N GLU A 3 29.62 -17.98 -17.98
CA GLU A 3 29.52 -19.33 -17.41
C GLU A 3 28.16 -19.52 -16.74
N VAL A 4 27.66 -18.48 -16.07
CA VAL A 4 26.33 -18.51 -15.44
C VAL A 4 25.32 -18.27 -16.56
N GLN A 5 24.34 -19.18 -16.75
CA GLN A 5 23.35 -19.05 -17.82
C GLN A 5 21.94 -19.31 -17.28
N LEU A 6 20.98 -18.62 -17.90
CA LEU A 6 19.56 -18.75 -17.65
C LEU A 6 18.97 -18.84 -19.04
N VAL A 7 18.52 -20.02 -19.43
CA VAL A 7 17.99 -20.23 -20.78
C VAL A 7 16.50 -20.44 -20.69
N GLU A 8 15.74 -19.51 -21.26
CA GLU A 8 14.30 -19.59 -21.25
C GLU A 8 13.70 -20.22 -22.49
N SER A 9 12.58 -20.87 -22.31
CA SER A 9 11.83 -21.47 -23.41
C SER A 9 10.37 -21.56 -22.96
N GLY A 10 9.48 -21.97 -23.86
CA GLY A 10 8.06 -22.07 -23.52
C GLY A 10 7.22 -20.96 -24.09
N GLY A 11 7.84 -19.88 -24.57
CA GLY A 11 7.12 -18.79 -25.20
C GLY A 11 6.33 -19.24 -26.42
N GLY A 12 5.14 -18.68 -26.59
CA GLY A 12 4.29 -19.07 -27.71
C GLY A 12 3.11 -18.15 -27.94
N LEU A 13 2.35 -18.51 -28.94
CA LEU A 13 1.13 -17.82 -29.34
C LEU A 13 0.01 -18.60 -28.69
N VAL A 14 -0.69 -17.98 -27.77
CA VAL A 14 -1.76 -18.62 -27.03
C VAL A 14 -3.04 -17.80 -27.17
N GLN A 15 -4.18 -18.48 -27.20
CA GLN A 15 -5.47 -17.80 -27.28
C GLN A 15 -5.88 -17.31 -25.89
N PRO A 16 -6.70 -16.26 -25.79
CA PRO A 16 -7.13 -15.79 -24.46
C PRO A 16 -7.83 -16.88 -23.63
N GLY A 17 -7.51 -16.93 -22.35
CA GLY A 17 -8.11 -17.90 -21.45
C GLY A 17 -7.28 -19.15 -21.26
N GLY A 18 -6.71 -19.67 -22.36
CA GLY A 18 -5.87 -20.86 -22.34
C GLY A 18 -4.71 -20.77 -21.37
N SER A 19 -3.83 -21.78 -21.36
CA SER A 19 -2.72 -21.79 -20.41
C SER A 19 -1.38 -22.13 -21.05
N LEU A 20 -0.30 -21.78 -20.37
CA LEU A 20 1.04 -22.01 -20.90
C LEU A 20 2.02 -22.03 -19.73
N ARG A 21 3.08 -22.82 -19.85
CA ARG A 21 4.12 -22.89 -18.84
CA ARG A 21 4.12 -22.89 -18.84
C ARG A 21 5.45 -22.43 -19.43
N LEU A 22 6.10 -21.46 -18.80
CA LEU A 22 7.41 -21.00 -19.23
C LEU A 22 8.46 -21.72 -18.38
N SER A 23 9.63 -21.95 -18.97
CA SER A 23 10.75 -22.61 -18.29
C SER A 23 11.95 -21.71 -18.32
N CYS A 24 12.80 -21.81 -17.31
CA CYS A 24 14.06 -21.11 -17.26
C CYS A 24 15.08 -22.11 -16.70
N ALA A 25 15.97 -22.65 -17.57
CA ALA A 25 16.96 -23.63 -17.15
C ALA A 25 18.20 -22.89 -16.68
N ALA A 26 18.65 -23.17 -15.46
CA ALA A 26 19.80 -22.47 -14.90
C ALA A 26 21.04 -23.36 -14.88
N SER A 27 22.22 -22.74 -14.90
CA SER A 27 23.49 -23.46 -14.86
C SER A 27 24.64 -22.51 -14.49
N GLY A 28 25.73 -23.06 -13.98
CA GLY A 28 26.90 -22.28 -13.60
C GLY A 28 26.83 -21.61 -12.25
N PHE A 29 25.79 -21.88 -11.48
CA PHE A 29 25.64 -21.32 -10.12
C PHE A 29 24.81 -22.25 -9.24
N THR A 30 24.84 -22.06 -7.90
CA THR A 30 24.06 -22.90 -7.00
C THR A 30 22.63 -22.39 -7.00
N PHE A 31 21.79 -22.94 -7.91
CA PHE A 31 20.38 -22.56 -8.11
C PHE A 31 19.57 -22.57 -6.81
N SER A 32 19.72 -23.65 -6.03
CA SER A 32 19.01 -23.86 -4.78
C SER A 32 19.36 -22.87 -3.66
N SER A 33 20.40 -22.05 -3.81
CA SER A 33 20.76 -21.03 -2.83
C SER A 33 20.17 -19.63 -3.13
N HIS A 34 19.38 -19.51 -4.21
CA HIS A 34 18.87 -18.22 -4.62
C HIS A 34 17.42 -18.14 -4.88
N ALA A 35 16.81 -17.04 -4.44
CA ALA A 35 15.46 -16.69 -4.85
C ALA A 35 15.54 -16.37 -6.39
N MET A 36 14.43 -16.54 -7.10
CA MET A 36 14.40 -16.30 -8.56
C MET A 36 13.15 -15.52 -8.86
N SER A 37 13.20 -14.64 -9.88
CA SER A 37 12.03 -13.88 -10.27
C SER A 37 11.74 -14.01 -11.74
N TRP A 38 10.51 -13.69 -12.10
CA TRP A 38 10.08 -13.47 -13.47
C TRP A 38 9.77 -11.97 -13.55
N VAL A 39 10.20 -11.35 -14.64
CA VAL A 39 9.98 -9.92 -14.91
C VAL A 39 9.53 -9.88 -16.38
N ARG A 40 8.47 -9.12 -16.71
CA ARG A 40 8.00 -9.07 -18.09
C ARG A 40 8.09 -7.69 -18.69
N GLN A 41 8.07 -7.62 -20.01
CA GLN A 41 8.14 -6.38 -20.71
C GLN A 41 7.18 -6.40 -21.89
N PRO A 42 6.01 -5.77 -21.74
CA PRO A 42 5.08 -5.69 -22.87
C PRO A 42 5.71 -4.89 -24.03
N PRO A 43 5.30 -5.18 -25.29
CA PRO A 43 5.88 -4.46 -26.44
C PRO A 43 5.90 -2.95 -26.29
N GLY A 44 7.07 -2.36 -26.43
CA GLY A 44 7.27 -0.91 -26.34
C GLY A 44 7.17 -0.31 -24.95
N LYS A 45 6.97 -1.15 -23.92
CA LYS A 45 6.79 -0.70 -22.55
C LYS A 45 7.99 -1.01 -21.63
N GLY A 46 7.93 -0.56 -20.38
CA GLY A 46 9.01 -0.79 -19.43
C GLY A 46 8.95 -2.16 -18.77
N LEU A 47 9.87 -2.40 -17.85
CA LEU A 47 9.97 -3.64 -17.11
C LEU A 47 8.95 -3.66 -15.98
N GLU A 48 8.37 -4.84 -15.75
CA GLU A 48 7.35 -5.04 -14.75
C GLU A 48 7.62 -6.36 -14.02
N TRP A 49 7.87 -6.30 -12.69
CA TRP A 49 8.12 -7.52 -11.93
C TRP A 49 6.82 -8.38 -11.87
N VAL A 50 6.95 -9.70 -12.03
CA VAL A 50 5.78 -10.59 -12.06
C VAL A 50 5.69 -11.43 -10.78
N SER A 51 6.78 -12.12 -10.43
CA SER A 51 6.74 -13.04 -9.31
C SER A 51 8.13 -13.39 -8.83
N SER A 52 8.25 -13.78 -7.57
CA SER A 52 9.49 -14.23 -6.94
C SER A 52 9.21 -15.51 -6.16
N ILE A 53 10.19 -16.41 -6.13
CA ILE A 53 10.08 -17.63 -5.35
C ILE A 53 11.38 -17.77 -4.55
N SER A 54 11.28 -18.06 -3.25
N SER A 54 11.28 -18.06 -3.26
CA SER A 54 12.46 -18.22 -2.42
CA SER A 54 12.44 -18.24 -2.41
C SER A 54 13.29 -19.47 -2.82
C SER A 54 13.29 -19.46 -2.83
N ALA A 55 14.55 -19.51 -2.39
CA ALA A 55 15.52 -20.58 -2.68
C ALA A 55 14.98 -22.00 -2.49
N ALA A 56 14.34 -22.29 -1.34
CA ALA A 56 13.81 -23.64 -1.10
C ALA A 56 12.43 -23.89 -1.73
N GLY A 57 11.82 -22.86 -2.31
CA GLY A 57 10.54 -23.02 -3.01
C GLY A 57 9.28 -22.93 -2.18
N GLY A 58 9.42 -22.57 -0.90
CA GLY A 58 8.28 -22.50 -0.01
C GLY A 58 7.55 -21.19 0.05
N SER A 59 8.20 -20.08 -0.33
CA SER A 59 7.57 -18.76 -0.27
C SER A 59 7.51 -18.16 -1.65
N THR A 60 6.34 -17.65 -2.02
CA THR A 60 6.12 -17.05 -3.34
C THR A 60 5.46 -15.70 -3.19
N TYR A 61 5.86 -14.77 -4.03
CA TYR A 61 5.33 -13.42 -4.02
C TYR A 61 4.87 -13.09 -5.44
N TYR A 62 3.78 -12.35 -5.56
CA TYR A 62 3.22 -12.03 -6.87
C TYR A 62 2.84 -10.57 -7.00
N ALA A 63 2.89 -10.06 -8.24
CA ALA A 63 2.38 -8.74 -8.58
C ALA A 63 0.84 -8.85 -8.49
N ALA A 64 0.16 -7.80 -8.00
CA ALA A 64 -1.30 -7.81 -7.86
C ALA A 64 -2.06 -8.24 -9.11
N SER A 65 -1.58 -7.84 -10.30
CA SER A 65 -2.19 -8.17 -11.59
C SER A 65 -2.18 -9.66 -12.01
N VAL A 66 -1.26 -10.47 -11.47
CA VAL A 66 -1.19 -11.89 -11.83
C VAL A 66 -1.57 -12.84 -10.70
N LYS A 67 -1.80 -12.32 -9.48
CA LYS A 67 -2.16 -13.11 -8.32
C LYS A 67 -3.45 -13.91 -8.58
N GLY A 68 -3.42 -15.20 -8.29
CA GLY A 68 -4.56 -16.07 -8.55
C GLY A 68 -4.58 -16.67 -9.94
N ARG A 69 -3.87 -16.05 -10.91
CA ARG A 69 -3.83 -16.57 -12.28
C ARG A 69 -2.51 -17.26 -12.59
N PHE A 70 -1.38 -16.73 -12.08
CA PHE A 70 -0.08 -17.32 -12.36
C PHE A 70 0.44 -18.07 -11.14
N THR A 71 1.27 -19.08 -11.38
CA THR A 71 1.91 -19.80 -10.30
C THR A 71 3.39 -19.95 -10.61
N ILE A 72 4.25 -19.47 -9.72
CA ILE A 72 5.70 -19.66 -9.87
C ILE A 72 6.07 -20.93 -9.10
N SER A 73 6.98 -21.72 -9.66
CA SER A 73 7.47 -22.94 -8.99
C SER A 73 8.91 -23.19 -9.44
N ARG A 74 9.60 -24.13 -8.80
CA ARG A 74 10.97 -24.46 -9.19
C ARG A 74 11.23 -25.95 -8.90
N ASP A 75 12.21 -26.51 -9.60
CA ASP A 75 12.68 -27.88 -9.43
C ASP A 75 14.16 -27.71 -9.12
N ASN A 76 14.53 -27.75 -7.85
CA ASN A 76 15.92 -27.56 -7.45
C ASN A 76 16.87 -28.66 -7.92
N SER A 77 16.40 -29.91 -8.00
CA SER A 77 17.25 -30.99 -8.49
C SER A 77 17.53 -30.82 -9.99
N ASN A 78 16.53 -30.34 -10.75
CA ASN A 78 16.71 -30.11 -12.19
C ASN A 78 17.15 -28.68 -12.54
N LYS A 79 17.39 -27.82 -11.54
CA LYS A 79 17.79 -26.41 -11.72
C LYS A 79 16.90 -25.65 -12.70
N THR A 80 15.57 -25.84 -12.58
CA THR A 80 14.64 -25.18 -13.49
C THR A 80 13.61 -24.36 -12.73
N LEU A 81 13.35 -23.16 -13.24
CA LEU A 81 12.34 -22.27 -12.71
C LEU A 81 11.16 -22.32 -13.67
N TYR A 82 9.93 -22.28 -13.16
CA TYR A 82 8.75 -22.29 -14.02
C TYR A 82 7.82 -21.14 -13.72
N LEU A 83 7.01 -20.77 -14.72
CA LEU A 83 5.91 -19.83 -14.55
C LEU A 83 4.68 -20.47 -15.26
N GLN A 84 3.67 -20.86 -14.49
CA GLN A 84 2.43 -21.40 -15.04
C GLN A 84 1.48 -20.22 -15.20
N MET A 85 1.04 -19.97 -16.42
CA MET A 85 0.19 -18.84 -16.73
C MET A 85 -1.18 -19.36 -17.10
N ASN A 86 -2.17 -19.06 -16.29
CA ASN A 86 -3.54 -19.48 -16.53
C ASN A 86 -4.40 -18.25 -16.79
N SER A 87 -5.60 -18.43 -17.38
CA SER A 87 -6.56 -17.33 -17.66
C SER A 87 -5.86 -16.16 -18.40
N LEU A 88 -5.10 -16.48 -19.44
CA LEU A 88 -4.29 -15.53 -20.19
C LEU A 88 -5.06 -14.40 -20.88
N ARG A 89 -4.56 -13.17 -20.71
CA ARG A 89 -5.18 -11.95 -21.27
C ARG A 89 -4.23 -11.26 -22.27
N ALA A 90 -4.74 -10.32 -23.10
CA ALA A 90 -3.89 -9.53 -23.99
C ALA A 90 -2.85 -8.72 -23.16
N GLU A 91 -3.21 -8.36 -21.92
CA GLU A 91 -2.38 -7.67 -20.95
CA GLU A 91 -2.31 -7.65 -21.03
C GLU A 91 -1.08 -8.47 -20.65
N ASP A 92 -1.12 -9.81 -20.86
CA ASP A 92 0.00 -10.72 -20.59
C ASP A 92 0.97 -10.86 -21.76
N THR A 93 0.66 -10.27 -22.93
CA THR A 93 1.55 -10.27 -24.11
C THR A 93 2.81 -9.48 -23.73
N ALA A 94 3.96 -10.15 -23.73
CA ALA A 94 5.22 -9.54 -23.29
C ALA A 94 6.40 -10.51 -23.50
N ILE A 95 7.64 -9.99 -23.42
CA ILE A 95 8.81 -10.83 -23.36
C ILE A 95 8.90 -11.15 -21.84
N TYR A 96 9.10 -12.41 -21.49
CA TYR A 96 9.23 -12.80 -20.09
C TYR A 96 10.69 -13.13 -19.84
N TYR A 97 11.29 -12.48 -18.85
CA TYR A 97 12.66 -12.75 -18.43
C TYR A 97 12.64 -13.42 -17.07
N CYS A 98 13.56 -14.35 -16.84
CA CYS A 98 13.79 -14.90 -15.53
C CYS A 98 15.10 -14.22 -15.07
N ALA A 99 15.24 -14.02 -13.76
CA ALA A 99 16.41 -13.37 -13.21
C ALA A 99 16.74 -14.01 -11.89
N LYS A 100 18.04 -14.17 -11.63
CA LYS A 100 18.53 -14.70 -10.38
C LYS A 100 18.55 -13.58 -9.36
N GLU A 101 18.09 -13.86 -8.15
CA GLU A 101 18.17 -12.87 -7.06
C GLU A 101 19.43 -13.16 -6.26
N SER A 102 19.99 -12.11 -5.66
CA SER A 102 21.25 -12.20 -4.95
C SER A 102 21.21 -12.93 -3.60
N ASP A 103 20.04 -13.06 -2.99
CA ASP A 103 19.85 -13.74 -1.69
C ASP A 103 18.94 -14.97 -1.82
N ARG A 104 18.75 -15.72 -0.72
CA ARG A 104 17.84 -16.86 -0.64
C ARG A 104 16.38 -16.40 -0.71
N VAL A 105 16.07 -15.19 -0.18
CA VAL A 105 14.69 -14.69 -0.13
C VAL A 105 14.64 -13.26 -0.68
N THR A 106 13.48 -12.88 -1.22
CA THR A 106 13.34 -11.61 -1.90
C THR A 106 13.36 -10.39 -0.96
N THR A 107 13.45 -9.17 -1.54
CA THR A 107 13.62 -7.86 -0.94
C THR A 107 15.09 -7.64 -0.53
N LEU A 108 15.49 -6.38 -0.46
CA LEU A 108 16.81 -5.92 -0.06
C LEU A 108 17.89 -6.57 -0.91
N ASP A 109 17.58 -6.82 -2.18
CA ASP A 109 18.44 -7.60 -3.05
C ASP A 109 18.43 -7.05 -4.48
N TRP A 110 19.01 -7.77 -5.43
CA TRP A 110 19.07 -7.32 -6.81
C TRP A 110 19.01 -8.50 -7.78
N PHE A 111 18.71 -8.20 -9.05
CA PHE A 111 18.57 -9.19 -10.12
C PHE A 111 19.84 -9.24 -10.96
N ASP A 112 20.47 -10.43 -11.03
CA ASP A 112 21.68 -10.63 -11.83
C ASP A 112 22.07 -12.11 -11.76
N PRO A 113 22.27 -12.78 -12.89
CA PRO A 113 22.04 -12.29 -14.27
C PRO A 113 20.57 -12.45 -14.70
N TRP A 114 20.27 -12.14 -15.96
CA TRP A 114 18.93 -12.28 -16.51
C TRP A 114 19.00 -13.26 -17.69
N GLY A 115 17.92 -13.98 -17.94
CA GLY A 115 17.83 -14.85 -19.11
C GLY A 115 17.63 -14.02 -20.38
N GLN A 116 17.67 -14.67 -21.55
CA GLN A 116 17.54 -14.00 -22.85
C GLN A 116 16.12 -13.54 -23.21
N GLY A 117 15.13 -14.03 -22.47
CA GLY A 117 13.73 -13.71 -22.71
C GLY A 117 13.02 -14.77 -23.54
N THR A 118 11.69 -14.84 -23.41
CA THR A 118 10.84 -15.73 -24.21
C THR A 118 9.55 -14.95 -24.49
N LEU A 119 9.08 -14.96 -25.73
CA LEU A 119 7.90 -14.17 -26.11
C LEU A 119 6.59 -14.94 -25.87
N VAL A 120 5.61 -14.29 -25.26
CA VAL A 120 4.28 -14.84 -25.05
C VAL A 120 3.35 -13.86 -25.72
N THR A 121 2.64 -14.32 -26.75
CA THR A 121 1.69 -13.47 -27.46
C THR A 121 0.31 -14.05 -27.25
N VAL A 122 -0.57 -13.28 -26.64
CA VAL A 122 -1.95 -13.68 -26.46
C VAL A 122 -2.71 -12.87 -27.51
N SER A 123 -3.29 -13.54 -28.52
CA SER A 123 -3.94 -12.79 -29.60
C SER A 123 -5.47 -12.82 -29.57
N SER A 124 -6.07 -11.60 -29.50
CA SER A 124 -7.50 -11.28 -29.52
C SER A 124 -8.40 -12.29 -28.81
N ALA A 143 0.07 -0.75 -9.23
CA ALA A 143 -0.61 -1.30 -8.04
C ALA A 143 0.18 -1.16 -6.73
N SER A 144 1.48 -0.93 -6.81
CA SER A 144 2.29 -0.76 -5.61
C SER A 144 1.92 0.55 -4.89
N ASP A 145 2.00 0.58 -3.53
CA ASP A 145 1.81 1.87 -2.82
C ASP A 145 3.14 2.69 -2.79
N ILE A 146 4.24 2.17 -3.39
CA ILE A 146 5.53 2.86 -3.59
C ILE A 146 5.69 3.18 -5.09
N GLN A 147 5.54 4.45 -5.41
CA GLN A 147 5.71 4.91 -6.78
C GLN A 147 7.16 5.29 -7.03
N MET A 148 7.72 4.84 -8.13
CA MET A 148 9.07 5.15 -8.53
C MET A 148 8.99 6.08 -9.73
N THR A 149 9.43 7.34 -9.58
CA THR A 149 9.37 8.30 -10.70
C THR A 149 10.78 8.54 -11.22
N GLN A 150 11.02 8.11 -12.44
CA GLN A 150 12.30 8.24 -13.08
C GLN A 150 12.30 9.45 -14.05
N SER A 151 13.35 10.29 -14.03
CA SER A 151 13.48 11.50 -14.84
C SER A 151 14.86 11.62 -15.44
N PRO A 152 15.00 12.16 -16.67
CA PRO A 152 13.92 12.42 -17.64
C PRO A 152 13.45 11.10 -18.31
N SER A 153 12.34 11.09 -19.07
CA SER A 153 11.93 9.87 -19.78
C SER A 153 12.86 9.60 -20.99
N SER A 154 13.51 10.64 -21.52
CA SER A 154 14.49 10.51 -22.57
C SER A 154 15.48 11.68 -22.53
N LEU A 155 16.68 11.43 -23.00
CA LEU A 155 17.70 12.47 -23.08
C LEU A 155 18.63 12.24 -24.26
N SER A 156 19.02 13.33 -24.91
CA SER A 156 19.96 13.30 -26.02
C SER A 156 21.32 13.66 -25.45
N ALA A 157 22.34 12.95 -25.88
CA ALA A 157 23.69 13.22 -25.41
C ALA A 157 24.72 12.86 -26.47
N SER A 158 25.83 13.56 -26.45
CA SER A 158 26.98 13.31 -27.31
C SER A 158 27.97 12.44 -26.56
N VAL A 159 28.83 11.72 -27.30
CA VAL A 159 29.92 10.94 -26.71
C VAL A 159 30.86 11.89 -25.93
N GLY A 160 31.14 11.57 -24.69
CA GLY A 160 31.93 12.39 -23.79
C GLY A 160 31.12 13.22 -22.83
N ASP A 161 29.78 13.30 -23.02
CA ASP A 161 28.95 14.10 -22.11
C ASP A 161 28.75 13.41 -20.76
N ARG A 162 28.57 14.20 -19.70
CA ARG A 162 28.21 13.67 -18.39
C ARG A 162 26.69 13.51 -18.43
N VAL A 163 26.18 12.33 -18.08
CA VAL A 163 24.73 12.09 -18.11
C VAL A 163 24.23 11.81 -16.69
N THR A 164 23.13 12.48 -16.30
CA THR A 164 22.51 12.33 -14.99
C THR A 164 21.06 11.85 -15.12
N ILE A 165 20.74 10.71 -14.49
CA ILE A 165 19.38 10.18 -14.50
C ILE A 165 18.92 10.09 -13.03
N THR A 166 17.69 10.55 -12.73
CA THR A 166 17.22 10.56 -11.35
C THR A 166 16.04 9.60 -11.14
N CYS A 167 15.94 9.09 -9.94
CA CYS A 167 14.86 8.19 -9.55
C CYS A 167 14.36 8.68 -8.19
N ARG A 168 13.05 8.94 -8.06
CA ARG A 168 12.48 9.39 -6.80
C ARG A 168 11.45 8.37 -6.32
N ALA A 169 11.52 7.95 -5.05
CA ALA A 169 10.57 7.01 -4.47
C ALA A 169 9.56 7.78 -3.64
N SER A 170 8.28 7.34 -3.63
CA SER A 170 7.24 8.06 -2.88
C SER A 170 7.38 7.97 -1.36
N GLN A 171 8.19 7.04 -0.87
CA GLN A 171 8.52 6.94 0.56
C GLN A 171 9.99 6.52 0.62
N SER A 172 10.61 6.59 1.81
CA SER A 172 12.00 6.14 1.95
C SER A 172 12.10 4.64 1.63
N ILE A 173 13.10 4.29 0.86
CA ILE A 173 13.44 2.88 0.57
C ILE A 173 14.88 2.57 1.07
N SER A 174 15.42 3.40 2.00
CA SER A 174 16.77 3.28 2.55
C SER A 174 17.78 3.31 1.38
N SER A 175 18.64 2.29 1.18
CA SER A 175 19.57 2.27 0.05
C SER A 175 19.19 1.20 -0.98
N TYR A 176 17.97 0.66 -0.93
CA TYR A 176 17.57 -0.50 -1.73
C TYR A 176 17.00 -0.11 -3.11
N LEU A 177 17.86 0.48 -3.90
CA LEU A 177 17.54 0.95 -5.24
C LEU A 177 18.64 0.41 -6.20
N ASN A 178 18.23 -0.34 -7.22
CA ASN A 178 19.16 -0.89 -8.19
C ASN A 178 18.98 -0.18 -9.56
N TRP A 179 20.03 -0.20 -10.40
CA TRP A 179 19.96 0.39 -11.76
C TRP A 179 20.33 -0.67 -12.77
N TYR A 180 19.54 -0.76 -13.86
CA TYR A 180 19.75 -1.71 -14.94
C TYR A 180 19.90 -0.96 -16.25
N GLN A 181 20.68 -1.55 -17.17
CA GLN A 181 20.87 -1.04 -18.53
C GLN A 181 20.21 -2.05 -19.46
N GLN A 182 19.40 -1.58 -20.40
CA GLN A 182 18.76 -2.44 -21.37
C GLN A 182 18.91 -1.87 -22.78
N LYS A 183 19.65 -2.58 -23.61
CA LYS A 183 19.77 -2.24 -25.02
C LYS A 183 18.55 -2.81 -25.74
N PRO A 184 18.08 -2.16 -26.83
CA PRO A 184 16.87 -2.64 -27.50
C PRO A 184 17.05 -4.06 -28.05
N GLY A 185 16.02 -4.89 -27.87
CA GLY A 185 16.05 -6.29 -28.25
C GLY A 185 16.86 -7.20 -27.33
N GLN A 186 17.46 -6.65 -26.25
CA GLN A 186 18.29 -7.45 -25.35
C GLN A 186 17.74 -7.48 -23.93
N ALA A 187 18.22 -8.43 -23.12
CA ALA A 187 17.83 -8.52 -21.73
C ALA A 187 18.51 -7.42 -20.92
N PRO A 188 17.87 -6.98 -19.83
CA PRO A 188 18.52 -5.99 -18.95
C PRO A 188 19.78 -6.56 -18.31
N LYS A 189 20.63 -5.67 -17.85
CA LYS A 189 21.88 -6.00 -17.22
C LYS A 189 22.04 -5.12 -15.97
N LEU A 190 22.39 -5.70 -14.82
CA LEU A 190 22.63 -4.93 -13.60
C LEU A 190 23.86 -4.01 -13.75
N LEU A 191 23.75 -2.74 -13.35
CA LEU A 191 24.89 -1.83 -13.37
C LEU A 191 25.27 -1.49 -11.95
N ILE A 192 24.28 -1.06 -11.15
CA ILE A 192 24.50 -0.60 -9.78
C ILE A 192 23.49 -1.30 -8.87
N TYR A 193 23.95 -1.81 -7.72
CA TYR A 193 23.03 -2.40 -6.76
C TYR A 193 23.16 -1.66 -5.44
N ALA A 194 22.09 -1.68 -4.61
CA ALA A 194 22.10 -1.01 -3.31
C ALA A 194 22.57 0.46 -3.37
N ALA A 195 22.00 1.21 -4.34
CA ALA A 195 22.20 2.64 -4.61
C ALA A 195 23.56 3.05 -5.15
N SER A 196 24.64 2.45 -4.64
CA SER A 196 25.99 2.94 -5.00
C SER A 196 27.04 1.90 -5.31
N SER A 197 26.72 0.60 -5.18
CA SER A 197 27.73 -0.41 -5.47
C SER A 197 27.76 -0.75 -6.94
N LEU A 198 28.94 -0.65 -7.53
CA LEU A 198 29.17 -0.93 -8.94
C LEU A 198 29.26 -2.44 -9.16
N GLN A 199 28.51 -2.96 -10.11
CA GLN A 199 28.54 -4.40 -10.41
C GLN A 199 29.91 -4.76 -11.04
N THR A 200 30.46 -5.93 -10.68
CA THR A 200 31.73 -6.45 -11.20
C THR A 200 31.76 -6.44 -12.74
N GLY A 201 32.77 -5.82 -13.32
CA GLY A 201 32.91 -5.76 -14.77
C GLY A 201 32.31 -4.53 -15.43
N VAL A 202 31.48 -3.78 -14.69
CA VAL A 202 30.86 -2.57 -15.22
C VAL A 202 31.88 -1.42 -15.15
N PRO A 203 32.08 -0.67 -16.24
CA PRO A 203 33.07 0.43 -16.22
C PRO A 203 32.87 1.45 -15.10
N SER A 204 33.98 2.01 -14.59
CA SER A 204 33.99 2.99 -13.50
C SER A 204 33.31 4.31 -13.84
N ARG A 205 33.02 4.57 -15.13
CA ARG A 205 32.28 5.77 -15.53
C ARG A 205 30.82 5.76 -15.02
N PHE A 206 30.30 4.59 -14.64
CA PHE A 206 28.96 4.49 -14.07
C PHE A 206 29.07 4.60 -12.58
N SER A 207 28.25 5.45 -11.97
CA SER A 207 28.21 5.55 -10.52
C SER A 207 26.79 5.85 -10.04
N GLY A 208 26.49 5.44 -8.84
CA GLY A 208 25.18 5.66 -8.25
C GLY A 208 25.31 6.34 -6.90
N SER A 209 24.34 7.17 -6.56
CA SER A 209 24.34 7.88 -5.28
CA SER A 209 24.34 7.88 -5.29
C SER A 209 22.90 8.07 -4.81
N GLY A 210 22.74 8.35 -3.52
CA GLY A 210 21.45 8.58 -2.92
C GLY A 210 21.10 7.60 -1.83
N SER A 211 20.09 7.97 -1.07
CA SER A 211 19.55 7.22 0.05
C SER A 211 18.18 7.84 0.36
N GLY A 212 17.29 7.06 0.93
CA GLY A 212 15.97 7.55 1.29
C GLY A 212 15.04 7.61 0.10
N THR A 213 14.78 8.82 -0.43
CA THR A 213 13.84 8.95 -1.56
C THR A 213 14.46 9.40 -2.86
N ASP A 214 15.69 9.94 -2.86
CA ASP A 214 16.25 10.52 -4.10
C ASP A 214 17.54 9.87 -4.50
N PHE A 215 17.57 9.36 -5.72
CA PHE A 215 18.69 8.58 -6.21
C PHE A 215 19.13 9.06 -7.58
N THR A 216 20.43 8.93 -7.88
CA THR A 216 20.96 9.37 -9.16
CA THR A 216 20.95 9.33 -9.20
C THR A 216 21.92 8.31 -9.75
N LEU A 217 21.86 8.10 -11.05
CA LEU A 217 22.76 7.26 -11.80
C LEU A 217 23.54 8.31 -12.66
N THR A 218 24.87 8.27 -12.60
CA THR A 218 25.69 9.20 -13.38
C THR A 218 26.61 8.42 -14.30
N ILE A 219 26.70 8.84 -15.57
CA ILE A 219 27.67 8.30 -16.51
C ILE A 219 28.62 9.51 -16.70
N SER A 220 29.84 9.41 -16.18
CA SER A 220 30.76 10.56 -16.20
C SER A 220 31.18 11.02 -17.60
N SER A 221 31.34 10.08 -18.53
CA SER A 221 31.75 10.40 -19.90
C SER A 221 31.14 9.36 -20.82
N LEU A 222 30.02 9.71 -21.45
CA LEU A 222 29.24 8.77 -22.26
C LEU A 222 30.01 8.17 -23.44
N GLN A 223 29.94 6.86 -23.58
CA GLN A 223 30.57 6.13 -24.69
C GLN A 223 29.51 5.60 -25.67
N PRO A 224 29.85 5.27 -26.95
CA PRO A 224 28.82 4.79 -27.89
C PRO A 224 28.07 3.54 -27.46
N GLU A 225 28.75 2.64 -26.73
CA GLU A 225 28.10 1.44 -26.22
C GLU A 225 27.11 1.75 -25.07
N ASP A 226 27.00 3.03 -24.60
CA ASP A 226 26.09 3.39 -23.50
C ASP A 226 24.71 3.86 -23.95
N PHE A 227 24.47 4.05 -25.27
CA PHE A 227 23.13 4.42 -25.72
C PHE A 227 22.23 3.20 -25.50
N ALA A 228 21.27 3.35 -24.58
CA ALA A 228 20.44 2.27 -24.10
C ALA A 228 19.29 2.90 -23.25
N THR A 229 18.37 2.08 -22.72
CA THR A 229 17.35 2.52 -21.78
C THR A 229 17.82 2.09 -20.41
N TYR A 230 17.73 2.99 -19.44
CA TYR A 230 18.15 2.67 -18.08
C TYR A 230 16.94 2.63 -17.19
N TYR A 231 16.90 1.70 -16.23
CA TYR A 231 15.76 1.60 -15.33
C TYR A 231 16.23 1.54 -13.90
N CYS A 232 15.56 2.27 -13.02
CA CYS A 232 15.81 2.11 -11.59
C CYS A 232 14.81 1.05 -11.10
N GLN A 233 15.07 0.46 -9.93
CA GLN A 233 14.20 -0.56 -9.37
C GLN A 233 14.34 -0.56 -7.86
N GLN A 234 13.22 -0.40 -7.14
CA GLN A 234 13.30 -0.52 -5.67
C GLN A 234 13.21 -2.00 -5.29
N SER A 235 14.06 -2.44 -4.36
CA SER A 235 13.97 -3.80 -3.82
C SER A 235 13.58 -3.76 -2.33
N TYR A 236 13.17 -2.60 -1.81
CA TYR A 236 12.79 -2.43 -0.42
C TYR A 236 11.69 -3.39 0.01
N ILE A 237 10.56 -3.43 -0.71
CA ILE A 237 9.45 -4.32 -0.36
C ILE A 237 8.79 -4.88 -1.61
N THR A 238 8.00 -5.95 -1.45
CA THR A 238 7.20 -6.44 -2.56
C THR A 238 5.84 -5.67 -2.54
N PRO A 239 5.21 -5.50 -3.70
CA PRO A 239 5.73 -5.82 -5.05
C PRO A 239 6.96 -5.01 -5.38
N LEU A 240 7.97 -5.68 -5.98
CA LEU A 240 9.19 -5.02 -6.40
C LEU A 240 8.79 -4.18 -7.62
N THR A 241 9.31 -2.93 -7.73
CA THR A 241 8.86 -2.07 -8.82
C THR A 241 10.00 -1.36 -9.50
N PHE A 242 9.84 -1.12 -10.79
CA PHE A 242 10.81 -0.42 -11.61
C PHE A 242 10.31 0.98 -11.92
N GLY A 243 11.23 1.90 -12.14
CA GLY A 243 10.92 3.21 -12.70
C GLY A 243 10.48 3.03 -14.15
N GLY A 244 9.96 4.09 -14.76
CA GLY A 244 9.46 4.03 -16.14
C GLY A 244 10.50 3.94 -17.24
N GLY A 245 11.78 4.10 -16.88
CA GLY A 245 12.87 4.04 -17.84
C GLY A 245 13.28 5.40 -18.38
N THR A 246 14.55 5.51 -18.78
CA THR A 246 15.12 6.70 -19.40
C THR A 246 15.88 6.25 -20.65
N LYS A 247 15.42 6.69 -21.83
CA LYS A 247 16.12 6.39 -23.07
C LYS A 247 17.29 7.37 -23.23
N VAL A 248 18.50 6.86 -23.44
CA VAL A 248 19.66 7.70 -23.69
C VAL A 248 19.95 7.56 -25.17
N GLU A 249 19.73 8.66 -25.92
CA GLU A 249 19.80 8.67 -27.37
C GLU A 249 20.87 9.68 -27.87
N ILE A 250 21.15 9.65 -29.19
CA ILE A 250 22.11 10.58 -29.77
C ILE A 250 21.64 12.03 -29.68
N LYS A 251 22.58 12.97 -29.89
CA LYS A 251 22.31 14.39 -29.97
C LYS A 251 22.63 14.81 -31.42
N GLY A 252 21.81 15.69 -31.97
CA GLY A 252 22.08 16.22 -33.30
C GLY A 252 23.29 17.12 -33.27
N PRO A 253 24.16 17.06 -34.31
CA PRO A 253 25.34 17.95 -34.31
C PRO A 253 24.93 19.41 -34.24
N PHE A 254 25.55 20.20 -33.35
CA PHE A 254 25.17 21.61 -33.20
C PHE A 254 26.37 22.56 -33.36
N SER B 8 -6.60 -15.27 21.50
CA SER B 8 -5.60 -15.70 22.47
C SER B 8 -5.43 -14.67 23.58
N LEU B 9 -5.44 -15.10 24.85
CA LEU B 9 -5.30 -14.18 25.97
C LEU B 9 -3.92 -13.54 26.01
N GLY B 10 -2.89 -14.34 25.72
CA GLY B 10 -1.52 -13.85 25.72
C GLY B 10 -1.30 -12.80 24.65
N SER B 11 -1.87 -13.03 23.46
CA SER B 11 -1.77 -12.09 22.35
C SER B 11 -2.47 -10.79 22.69
N ARG B 12 -3.68 -10.87 23.28
CA ARG B 12 -4.42 -9.67 23.66
C ARG B 12 -3.67 -8.85 24.72
N ARG B 13 -3.06 -9.54 25.68
CA ARG B 13 -2.27 -8.89 26.72
C ARG B 13 -1.02 -8.21 26.15
N THR B 14 -0.37 -8.84 25.17
CA THR B 14 0.83 -8.25 24.55
C THR B 14 0.44 -6.94 23.85
N LEU B 15 -0.69 -6.95 23.12
CA LEU B 15 -1.20 -5.78 22.42
C LEU B 15 -1.65 -4.70 23.35
N MET B 16 -2.26 -5.08 24.48
CA MET B 16 -2.71 -4.17 25.51
C MET B 16 -1.54 -3.39 26.08
N LEU B 17 -0.41 -4.06 26.36
CA LEU B 17 0.79 -3.43 26.90
C LEU B 17 1.47 -2.53 25.86
N LEU B 18 1.48 -2.95 24.59
CA LEU B 18 2.06 -2.12 23.52
C LEU B 18 1.18 -0.87 23.29
N ALA B 19 -0.14 -0.97 23.50
CA ALA B 19 -1.07 0.16 23.42
C ALA B 19 -0.84 1.12 24.61
N GLN B 20 -0.55 0.57 25.80
CA GLN B 20 -0.29 1.39 26.98
C GLN B 20 1.03 2.14 26.86
N MET B 21 2.01 1.59 26.13
CA MET B 21 3.30 2.24 25.93
C MET B 21 3.20 3.52 25.09
N ARG B 22 2.17 3.65 24.25
CA ARG B 22 1.98 4.82 23.39
C ARG B 22 2.15 6.17 24.12
N ARG B 23 2.91 7.07 23.54
CA ARG B 23 3.16 8.39 24.10
C ARG B 23 2.48 9.52 23.32
N ILE B 24 2.49 9.47 21.98
CA ILE B 24 1.83 10.47 21.13
C ILE B 24 0.80 9.80 20.22
N SER B 25 -0.09 10.59 19.60
CA SER B 25 -1.10 10.04 18.72
C SER B 25 -0.52 9.95 17.32
N LEU B 26 -0.79 8.85 16.60
CA LEU B 26 -0.40 8.76 15.19
C LEU B 26 -1.16 9.84 14.36
N PHE B 27 -2.25 10.45 14.91
CA PHE B 27 -2.96 11.53 14.23
C PHE B 27 -1.97 12.72 14.02
N SER B 28 -0.99 12.90 14.91
CA SER B 28 0.01 13.95 14.76
C SER B 28 1.05 13.62 13.68
N CYS B 29 1.07 12.39 13.14
CA CYS B 29 2.11 11.87 12.23
C CYS B 29 1.54 11.27 10.96
N LEU B 30 0.27 11.58 10.58
CA LEU B 30 -0.36 10.92 9.43
C LEU B 30 0.37 11.13 8.11
N LYS B 31 1.09 12.25 7.92
CA LYS B 31 1.90 12.42 6.69
C LYS B 31 3.12 11.46 6.67
N ASP B 32 3.47 10.83 7.78
CA ASP B 32 4.60 9.93 7.90
C ASP B 32 4.26 8.46 7.67
N ARG B 33 3.03 8.13 7.22
CA ARG B 33 2.62 6.75 6.91
CA ARG B 33 2.69 6.71 7.04
C ARG B 33 3.71 6.04 6.09
N HIS B 34 4.18 4.87 6.51
CA HIS B 34 5.27 4.19 5.81
C HIS B 34 4.97 2.69 5.74
N ASP B 35 5.18 2.10 4.57
CA ASP B 35 4.97 0.68 4.35
C ASP B 35 6.32 -0.03 4.59
N PHE B 36 6.35 -0.95 5.55
CA PHE B 36 7.53 -1.76 5.88
C PHE B 36 7.52 -3.14 5.17
N GLY B 37 6.45 -3.46 4.44
CA GLY B 37 6.39 -4.72 3.71
C GLY B 37 6.48 -5.94 4.60
N PHE B 38 5.60 -6.04 5.60
CA PHE B 38 5.52 -7.22 6.47
C PHE B 38 5.22 -8.44 5.58
N PRO B 39 6.09 -9.46 5.60
CA PRO B 39 5.90 -10.57 4.65
C PRO B 39 4.80 -11.53 5.08
N GLN B 40 3.53 -11.11 4.91
CA GLN B 40 2.32 -11.89 5.14
C GLN B 40 2.41 -13.22 4.41
N GLU B 41 3.03 -13.25 3.20
CA GLU B 41 3.22 -14.49 2.42
C GLU B 41 3.90 -15.62 3.21
N GLU B 42 4.61 -15.31 4.32
CA GLU B 42 5.27 -16.30 5.18
C GLU B 42 4.36 -16.85 6.30
N PHE B 43 3.18 -16.28 6.52
CA PHE B 43 2.29 -16.71 7.59
C PHE B 43 1.03 -17.37 7.02
N ALA B 50 0.18 -24.86 11.97
CA ALA B 50 1.14 -25.63 12.76
C ALA B 50 2.56 -25.45 12.22
N GLU B 51 2.72 -25.38 10.90
CA GLU B 51 4.03 -25.18 10.28
C GLU B 51 4.58 -23.75 10.45
N THR B 52 3.74 -22.80 10.88
CA THR B 52 4.17 -21.43 11.09
C THR B 52 4.61 -21.13 12.53
N ILE B 53 4.74 -22.15 13.40
CA ILE B 53 5.16 -21.95 14.78
C ILE B 53 6.61 -21.39 14.87
N PRO B 54 7.64 -21.96 14.19
CA PRO B 54 8.99 -21.34 14.27
C PRO B 54 9.08 -19.93 13.63
N VAL B 55 8.14 -19.60 12.73
CA VAL B 55 8.08 -18.30 12.08
C VAL B 55 7.46 -17.26 13.06
N LEU B 56 6.40 -17.67 13.77
CA LEU B 56 5.80 -16.81 14.79
C LEU B 56 6.81 -16.61 15.94
N HIS B 57 7.58 -17.67 16.27
CA HIS B 57 8.63 -17.60 17.28
C HIS B 57 9.67 -16.51 16.90
N GLU B 58 10.12 -16.50 15.64
CA GLU B 58 11.07 -15.49 15.16
C GLU B 58 10.50 -14.09 15.26
N MET B 59 9.23 -13.95 14.89
CA MET B 59 8.53 -12.69 14.95
C MET B 59 8.52 -12.13 16.42
N ILE B 60 8.17 -12.99 17.40
CA ILE B 60 8.14 -12.55 18.79
C ILE B 60 9.54 -12.23 19.31
N GLN B 61 10.54 -13.03 18.90
CA GLN B 61 11.93 -12.79 19.30
C GLN B 61 12.40 -11.42 18.75
N GLN B 62 12.07 -11.12 17.48
CA GLN B 62 12.46 -9.87 16.85
C GLN B 62 11.75 -8.66 17.46
N ILE B 63 10.49 -8.81 17.89
CA ILE B 63 9.77 -7.73 18.59
C ILE B 63 10.50 -7.48 19.93
N PHE B 64 10.86 -8.56 20.64
CA PHE B 64 11.61 -8.44 21.90
C PHE B 64 12.96 -7.71 21.63
N ASN B 65 13.69 -8.11 20.59
CA ASN B 65 14.97 -7.49 20.22
C ASN B 65 14.78 -5.99 19.92
N LEU B 66 13.77 -5.66 19.12
CA LEU B 66 13.50 -4.28 18.71
C LEU B 66 13.19 -3.39 19.92
N PHE B 67 12.39 -3.92 20.85
CA PHE B 67 12.01 -3.11 22.02
C PHE B 67 12.97 -3.24 23.20
N SER B 68 14.07 -3.97 23.04
CA SER B 68 15.09 -4.13 24.08
C SER B 68 16.35 -3.32 23.81
N THR B 69 16.42 -2.53 22.73
CA THR B 69 17.64 -1.74 22.47
C THR B 69 17.74 -0.55 23.47
N LYS B 70 18.90 0.13 23.52
CA LYS B 70 19.08 1.35 24.29
C LYS B 70 18.11 2.45 23.70
N ASP B 71 17.90 2.44 22.37
CA ASP B 71 16.97 3.39 21.74
C ASP B 71 15.55 3.20 22.24
N SER B 72 15.12 1.94 22.37
CA SER B 72 13.77 1.67 22.87
C SER B 72 13.67 2.08 24.35
N SER B 73 14.69 1.79 25.14
CA SER B 73 14.70 2.19 26.56
C SER B 73 14.62 3.72 26.72
N ALA B 74 15.19 4.47 25.78
CA ALA B 74 15.11 5.92 25.79
C ALA B 74 13.74 6.44 25.36
N ALA B 75 13.03 5.67 24.51
CA ALA B 75 11.77 6.10 23.95
C ALA B 75 10.54 5.76 24.77
N TRP B 76 10.56 4.63 25.47
CA TRP B 76 9.36 4.13 26.14
C TRP B 76 9.53 4.03 27.64
N ASP B 77 8.40 4.01 28.38
CA ASP B 77 8.39 3.88 29.84
C ASP B 77 8.97 2.53 30.28
N GLU B 78 9.94 2.55 31.22
CA GLU B 78 10.62 1.36 31.73
C GLU B 78 9.69 0.33 32.36
N THR B 79 8.73 0.78 33.19
CA THR B 79 7.80 -0.13 33.85
C THR B 79 6.94 -0.85 32.81
N LEU B 80 6.45 -0.11 31.81
CA LEU B 80 5.63 -0.70 30.76
C LEU B 80 6.44 -1.64 29.88
N LEU B 81 7.69 -1.27 29.54
CA LEU B 81 8.57 -2.15 28.75
C LEU B 81 8.81 -3.47 29.48
N ASP B 82 9.04 -3.43 30.81
CA ASP B 82 9.30 -4.64 31.59
C ASP B 82 8.10 -5.56 31.58
N LYS B 83 6.88 -5.00 31.68
CA LYS B 83 5.65 -5.76 31.60
C LYS B 83 5.53 -6.38 30.21
N PHE B 84 5.87 -5.59 29.15
CA PHE B 84 5.87 -6.03 27.77
C PHE B 84 6.84 -7.24 27.54
N TYR B 85 8.10 -7.17 28.06
CA TYR B 85 9.10 -8.25 27.94
C TYR B 85 8.56 -9.52 28.60
N THR B 86 7.90 -9.37 29.75
CA THR B 86 7.34 -10.51 30.50
C THR B 86 6.32 -11.26 29.66
N GLU B 87 5.46 -10.51 28.97
CA GLU B 87 4.43 -11.05 28.12
C GLU B 87 5.03 -11.71 26.87
N LEU B 88 6.08 -11.09 26.28
CA LEU B 88 6.77 -11.68 25.14
C LEU B 88 7.46 -13.00 25.53
N TYR B 89 8.07 -13.03 26.72
CA TYR B 89 8.70 -14.23 27.30
C TYR B 89 7.67 -15.36 27.43
N GLN B 90 6.48 -15.03 27.97
CA GLN B 90 5.41 -16.02 28.12
C GLN B 90 4.97 -16.56 26.76
N GLN B 91 4.86 -15.67 25.74
CA GLN B 91 4.46 -16.08 24.39
CA GLN B 91 4.45 -16.13 24.42
C GLN B 91 5.50 -17.00 23.75
N LEU B 92 6.79 -16.69 23.94
CA LEU B 92 7.86 -17.50 23.39
C LEU B 92 7.81 -18.91 24.04
N ASN B 93 7.57 -18.97 25.36
CA ASN B 93 7.49 -20.21 26.14
CA ASN B 93 7.46 -20.23 26.07
C ASN B 93 6.29 -21.06 25.65
N ASP B 94 5.13 -20.42 25.42
CA ASP B 94 3.91 -21.10 24.96
C ASP B 94 4.12 -21.73 23.58
N LEU B 95 4.89 -21.06 22.71
CA LEU B 95 5.17 -21.56 21.37
C LEU B 95 6.14 -22.73 21.39
N GLU B 96 7.11 -22.71 22.32
CA GLU B 96 8.07 -23.79 22.47
C GLU B 96 7.40 -25.08 22.99
N ALA B 97 6.29 -24.95 23.73
CA ALA B 97 5.54 -26.10 24.26
C ALA B 97 4.83 -26.89 23.16
N CYS B 98 4.35 -26.21 22.10
CA CYS B 98 3.67 -26.89 21.01
C CYS B 98 4.49 -26.86 19.72
N THR B 108 9.94 -28.37 6.03
CA THR B 108 11.30 -28.55 5.52
C THR B 108 12.19 -27.50 6.22
N PRO B 109 13.37 -27.93 6.73
CA PRO B 109 14.28 -27.00 7.41
C PRO B 109 14.70 -25.77 6.59
N LEU B 110 14.95 -25.96 5.28
CA LEU B 110 15.35 -24.85 4.40
C LEU B 110 14.18 -23.90 4.11
N MET B 111 12.95 -24.42 4.10
CA MET B 111 11.75 -23.60 3.93
C MET B 111 11.52 -22.75 5.18
N LYS B 112 11.78 -23.32 6.35
CA LYS B 112 11.69 -22.65 7.64
C LYS B 112 12.76 -21.55 7.66
N GLU B 113 14.03 -21.87 7.27
CA GLU B 113 15.13 -20.89 7.22
C GLU B 113 14.71 -19.68 6.33
N ASP B 114 14.16 -19.96 5.13
CA ASP B 114 13.70 -18.91 4.24
C ASP B 114 12.62 -18.02 4.87
N SER B 115 11.67 -18.62 5.59
CA SER B 115 10.63 -17.84 6.24
C SER B 115 11.23 -16.93 7.33
N ILE B 116 12.20 -17.47 8.08
CA ILE B 116 12.88 -16.72 9.13
C ILE B 116 13.71 -15.56 8.54
N LEU B 117 14.40 -15.80 7.44
CA LEU B 117 15.19 -14.75 6.77
C LEU B 117 14.29 -13.60 6.28
N ALA B 118 13.06 -13.93 5.79
CA ALA B 118 12.13 -12.88 5.31
C ALA B 118 11.64 -12.04 6.49
N VAL B 119 11.36 -12.66 7.64
CA VAL B 119 10.95 -11.92 8.83
C VAL B 119 12.08 -11.01 9.30
N ARG B 120 13.31 -11.52 9.28
CA ARG B 120 14.48 -10.73 9.65
C ARG B 120 14.67 -9.50 8.76
N LYS B 121 14.44 -9.61 7.43
CA LYS B 121 14.56 -8.46 6.53
C LYS B 121 13.52 -7.38 6.85
N TYR B 122 12.32 -7.80 7.27
CA TYR B 122 11.26 -6.86 7.69
C TYR B 122 11.74 -6.06 8.92
N PHE B 123 12.30 -6.73 9.93
CA PHE B 123 12.87 -6.06 11.12
C PHE B 123 14.09 -5.19 10.77
N GLN B 124 14.86 -5.61 9.76
CA GLN B 124 15.99 -4.82 9.27
C GLN B 124 15.48 -3.48 8.67
N ARG B 125 14.35 -3.50 7.94
CA ARG B 125 13.79 -2.25 7.40
C ARG B 125 13.34 -1.34 8.55
N ILE B 126 12.70 -1.92 9.59
CA ILE B 126 12.26 -1.10 10.75
C ILE B 126 13.47 -0.46 11.45
N THR B 127 14.55 -1.25 11.65
CA THR B 127 15.78 -0.77 12.31
C THR B 127 16.38 0.40 11.53
N LEU B 128 16.49 0.24 10.21
CA LEU B 128 17.04 1.28 9.35
C LEU B 128 16.18 2.55 9.36
N TYR B 129 14.85 2.37 9.36
CA TYR B 129 13.92 3.49 9.38
C TYR B 129 14.09 4.31 10.66
N LEU B 130 14.13 3.66 11.84
CA LEU B 130 14.30 4.40 13.10
C LEU B 130 15.62 5.19 13.11
N LYS B 131 16.69 4.59 12.56
CA LYS B 131 18.00 5.25 12.51
C LYS B 131 17.96 6.47 11.55
N GLU B 132 17.32 6.30 10.38
CA GLU B 132 17.16 7.36 9.38
C GLU B 132 16.35 8.55 9.92
N LYS B 133 15.29 8.25 10.68
CA LYS B 133 14.46 9.29 11.27
C LYS B 133 14.99 9.83 12.62
N LYS B 134 16.19 9.39 13.04
CA LYS B 134 16.82 9.81 14.30
C LYS B 134 15.92 9.56 15.49
N TYR B 135 15.19 8.40 15.49
CA TYR B 135 14.37 7.96 16.62
C TYR B 135 13.40 9.02 17.11
N SER B 136 12.83 9.78 16.18
CA SER B 136 11.90 10.85 16.54
C SER B 136 10.63 10.27 17.18
N PRO B 137 9.87 11.10 17.92
CA PRO B 137 8.59 10.61 18.49
C PRO B 137 7.66 10.05 17.40
N CYS B 138 7.51 10.75 16.26
CA CYS B 138 6.66 10.26 15.18
C CYS B 138 7.20 8.94 14.59
N ALA B 139 8.53 8.81 14.40
CA ALA B 139 9.08 7.57 13.82
C ALA B 139 8.82 6.39 14.76
N TRP B 140 8.97 6.61 16.09
CA TRP B 140 8.71 5.55 17.04
C TRP B 140 7.21 5.21 17.12
N GLU B 141 6.31 6.21 16.93
CA GLU B 141 4.87 5.94 16.94
C GLU B 141 4.46 5.19 15.67
N VAL B 142 5.08 5.54 14.50
CA VAL B 142 4.85 4.82 13.23
C VAL B 142 5.24 3.32 13.45
N VAL B 143 6.42 3.09 14.03
CA VAL B 143 6.89 1.72 14.30
C VAL B 143 6.01 0.97 15.32
N ARG B 144 5.59 1.65 16.39
CA ARG B 144 4.71 1.03 17.40
C ARG B 144 3.38 0.60 16.75
N ALA B 145 2.78 1.49 15.93
CA ALA B 145 1.52 1.16 15.25
C ALA B 145 1.74 0.01 14.24
N GLU B 146 2.91 0.00 13.58
CA GLU B 146 3.25 -1.06 12.62
C GLU B 146 3.29 -2.43 13.34
N ILE B 147 3.91 -2.47 14.52
CA ILE B 147 4.02 -3.73 15.30
C ILE B 147 2.67 -4.14 15.86
N MET B 148 1.81 -3.19 16.27
CA MET B 148 0.42 -3.52 16.70
C MET B 148 -0.28 -4.30 15.56
N ARG B 149 -0.11 -3.81 14.31
CA ARG B 149 -0.71 -4.46 13.16
C ARG B 149 -0.09 -5.83 12.82
N SER B 150 1.24 -5.89 12.65
CA SER B 150 1.89 -7.13 12.24
C SER B 150 1.84 -8.21 13.31
N PHE B 151 1.87 -7.83 14.60
CA PHE B 151 1.74 -8.81 15.67
C PHE B 151 0.31 -9.39 15.63
N SER B 152 -0.72 -8.54 15.48
CA SER B 152 -2.12 -8.98 15.36
C SER B 152 -2.29 -9.97 14.20
N LEU B 153 -1.65 -9.67 13.06
CA LEU B 153 -1.69 -10.56 11.91
C LEU B 153 -0.95 -11.88 12.13
N SER B 154 0.27 -11.82 12.68
CA SER B 154 1.08 -13.01 12.86
C SER B 154 0.48 -13.98 13.87
N THR B 155 -0.24 -13.46 14.89
CA THR B 155 -0.90 -14.32 15.87
C THR B 155 -2.35 -14.66 15.49
N ASN B 156 -2.79 -14.28 14.26
CA ASN B 156 -4.14 -14.47 13.73
C ASN B 156 -5.20 -14.04 14.73
N LEU B 157 -4.91 -12.99 15.52
CA LEU B 157 -5.88 -12.50 16.51
C LEU B 157 -7.03 -11.78 15.80
N GLU C 3 -29.41 10.82 22.59
CA GLU C 3 -29.33 10.47 21.18
C GLU C 3 -28.03 10.97 20.54
N VAL C 4 -27.25 10.04 19.98
CA VAL C 4 -25.95 10.30 19.36
C VAL C 4 -26.16 10.91 17.98
N GLN C 5 -25.74 12.19 17.80
CA GLN C 5 -26.04 12.88 16.56
C GLN C 5 -25.05 13.99 16.22
N LEU C 6 -24.97 14.35 14.93
CA LEU C 6 -24.19 15.45 14.40
C LEU C 6 -25.17 16.23 13.52
N VAL C 7 -25.27 17.55 13.74
CA VAL C 7 -26.23 18.36 12.98
C VAL C 7 -25.52 19.59 12.43
N GLU C 8 -25.40 19.67 11.10
CA GLU C 8 -24.72 20.79 10.45
C GLU C 8 -25.67 21.95 10.14
N SER C 9 -25.10 23.16 10.06
CA SER C 9 -25.82 24.37 9.71
CA SER C 9 -25.81 24.39 9.75
C SER C 9 -24.84 25.36 9.06
N GLY C 10 -25.35 26.44 8.47
CA GLY C 10 -24.50 27.45 7.85
C GLY C 10 -24.50 27.46 6.34
N GLY C 11 -24.88 26.35 5.73
CA GLY C 11 -24.95 26.29 4.27
C GLY C 11 -25.97 27.27 3.69
N ASP C 12 -25.66 27.80 2.52
CA ASP C 12 -26.53 28.78 1.88
C ASP C 12 -26.14 28.93 0.41
N LEU C 13 -26.98 29.64 -0.36
CA LEU C 13 -26.71 30.12 -1.70
C LEU C 13 -25.67 31.21 -1.49
N VAL C 14 -24.58 31.19 -2.24
CA VAL C 14 -23.52 32.17 -2.07
C VAL C 14 -22.89 32.45 -3.44
N GLN C 15 -22.41 33.66 -3.63
CA GLN C 15 -21.79 34.08 -4.87
C GLN C 15 -20.30 33.64 -4.91
N PRO C 16 -19.76 33.41 -6.12
CA PRO C 16 -18.33 33.09 -6.23
C PRO C 16 -17.46 34.19 -5.63
N GLY C 17 -16.43 33.77 -4.91
CA GLY C 17 -15.53 34.69 -4.20
C GLY C 17 -15.98 34.97 -2.77
N GLY C 18 -17.23 34.63 -2.47
CA GLY C 18 -17.81 34.83 -1.15
C GLY C 18 -17.39 33.75 -0.17
N SER C 19 -18.02 33.80 1.00
CA SER C 19 -17.63 32.88 2.07
C SER C 19 -18.79 32.50 2.98
N LEU C 20 -18.61 31.40 3.71
CA LEU C 20 -19.60 30.91 4.67
C LEU C 20 -18.91 30.32 5.88
N ARG C 21 -19.60 30.29 7.02
CA ARG C 21 -19.10 29.63 8.21
C ARG C 21 -20.05 28.48 8.47
N LEU C 22 -19.56 27.24 8.31
CA LEU C 22 -20.37 26.07 8.58
C LEU C 22 -20.14 25.64 10.02
N SER C 23 -21.17 25.09 10.66
CA SER C 23 -21.09 24.63 12.04
CA SER C 23 -21.05 24.63 12.03
C SER C 23 -21.66 23.23 12.15
N CYS C 24 -21.26 22.49 13.16
CA CYS C 24 -21.74 21.17 13.39
C CYS C 24 -21.93 21.04 14.89
N ALA C 25 -23.17 20.80 15.35
CA ALA C 25 -23.42 20.62 16.78
C ALA C 25 -23.44 19.13 17.05
N ALA C 26 -22.58 18.68 17.95
CA ALA C 26 -22.50 17.28 18.32
C ALA C 26 -23.27 17.05 19.64
N SER C 27 -23.97 15.91 19.75
CA SER C 27 -24.68 15.59 20.99
C SER C 27 -24.72 14.08 21.26
N GLY C 28 -24.87 13.71 22.54
CA GLY C 28 -24.94 12.31 22.94
C GLY C 28 -23.61 11.64 23.21
N PHE C 29 -22.51 12.37 23.07
CA PHE C 29 -21.18 11.79 23.28
C PHE C 29 -20.17 12.84 23.76
N THR C 30 -19.03 12.40 24.29
CA THR C 30 -18.01 13.35 24.74
C THR C 30 -17.20 13.73 23.51
N PHE C 31 -17.60 14.84 22.91
CA PHE C 31 -17.04 15.42 21.70
C PHE C 31 -15.53 15.59 21.75
N SER C 32 -15.01 16.10 22.88
CA SER C 32 -13.59 16.37 23.10
C SER C 32 -12.68 15.14 23.08
N GLY C 33 -13.22 13.94 23.04
CA GLY C 33 -12.41 12.73 22.94
C GLY C 33 -12.20 12.24 21.51
N TYR C 34 -12.79 12.93 20.51
CA TYR C 34 -12.73 12.46 19.14
C TYR C 34 -12.07 13.39 18.15
N ALA C 35 -11.33 12.82 17.19
CA ALA C 35 -10.89 13.58 16.02
C ALA C 35 -12.19 13.69 15.16
N MET C 36 -12.32 14.80 14.40
CA MET C 36 -13.49 15.05 13.59
C MET C 36 -13.07 15.36 12.15
N ALA C 37 -14.04 15.39 11.24
CA ALA C 37 -13.75 15.70 9.85
C ALA C 37 -14.94 16.36 9.13
N TRP C 38 -14.64 17.01 8.00
CA TRP C 38 -15.64 17.48 7.08
C TRP C 38 -15.43 16.68 5.79
N VAL C 39 -16.50 16.14 5.24
CA VAL C 39 -16.52 15.36 4.02
C VAL C 39 -17.65 15.93 3.18
N ARG C 40 -17.39 16.27 1.91
CA ARG C 40 -18.44 16.88 1.08
C ARG C 40 -18.77 16.03 -0.13
N GLN C 41 -19.96 16.22 -0.68
CA GLN C 41 -20.34 15.53 -1.89
C GLN C 41 -21.05 16.48 -2.83
N ALA C 42 -20.42 16.71 -3.98
CA ALA C 42 -21.01 17.54 -5.02
C ALA C 42 -22.04 16.71 -5.80
N PRO C 43 -23.13 17.34 -6.30
CA PRO C 43 -24.12 16.58 -7.10
C PRO C 43 -23.50 15.77 -8.24
N GLY C 44 -23.83 14.49 -8.30
CA GLY C 44 -23.31 13.57 -9.31
C GLY C 44 -21.87 13.14 -9.10
N LYS C 45 -21.24 13.54 -7.97
CA LYS C 45 -19.83 13.20 -7.73
C LYS C 45 -19.64 12.32 -6.49
N GLU C 46 -18.46 11.73 -6.34
N GLU C 46 -18.45 11.70 -6.35
CA GLU C 46 -18.13 10.91 -5.20
CA GLU C 46 -18.17 10.87 -5.20
C GLU C 46 -17.91 11.77 -3.96
C GLU C 46 -17.87 11.74 -3.97
N MET C 47 -18.01 11.16 -2.76
CA MET C 47 -17.69 11.85 -1.51
C MET C 47 -16.21 12.28 -1.55
N GLN C 48 -15.90 13.44 -0.99
CA GLN C 48 -14.55 13.96 -0.97
C GLN C 48 -14.21 14.45 0.41
N TRP C 49 -13.16 13.88 1.01
CA TRP C 49 -12.69 14.31 2.32
C TRP C 49 -12.12 15.74 2.16
N VAL C 50 -12.50 16.65 3.06
CA VAL C 50 -12.10 18.06 3.00
C VAL C 50 -11.05 18.42 4.06
N SER C 51 -11.28 17.97 5.30
CA SER C 51 -10.42 18.37 6.39
C SER C 51 -10.65 17.50 7.61
N SER C 52 -9.63 17.33 8.43
CA SER C 52 -9.71 16.61 9.70
C SER C 52 -9.05 17.47 10.79
N ILE C 53 -9.50 17.30 12.05
CA ILE C 53 -8.93 18.03 13.17
C ILE C 53 -8.83 17.09 14.39
N SER C 54 -7.73 17.20 15.14
CA SER C 54 -7.52 16.34 16.33
C SER C 54 -8.52 16.70 17.43
N ASP C 55 -8.70 15.80 18.40
CA ASP C 55 -9.60 16.00 19.54
C ASP C 55 -9.38 17.34 20.26
N ASP C 56 -8.13 17.77 20.40
CA ASP C 56 -7.82 19.03 21.10
C ASP C 56 -7.73 20.26 20.17
N GLY C 57 -7.89 20.07 18.87
CA GLY C 57 -7.80 21.14 17.90
C GLY C 57 -6.39 21.60 17.55
N GLY C 58 -5.38 20.93 18.08
CA GLY C 58 -3.99 21.29 17.84
C GLY C 58 -3.38 20.78 16.54
N THR C 59 -4.04 19.80 15.87
CA THR C 59 -3.52 19.29 14.60
C THR C 59 -4.64 19.23 13.55
N SER C 60 -4.38 19.77 12.36
CA SER C 60 -5.39 19.70 11.31
C SER C 60 -4.75 19.32 9.97
N TYR C 61 -5.57 18.72 9.09
CA TYR C 61 -5.18 18.34 7.73
C TYR C 61 -6.23 18.86 6.74
N TYR C 62 -5.82 19.14 5.51
CA TYR C 62 -6.73 19.66 4.49
C TYR C 62 -6.50 18.98 3.15
N ALA C 63 -7.58 18.89 2.33
CA ALA C 63 -7.45 18.46 0.93
C ALA C 63 -6.67 19.61 0.21
N ASP C 64 -5.80 19.26 -0.75
CA ASP C 64 -4.98 20.25 -1.45
C ASP C 64 -5.78 21.38 -2.12
N SER C 65 -6.97 21.07 -2.68
CA SER C 65 -7.76 22.09 -3.37
C SER C 65 -8.44 23.11 -2.45
N VAL C 66 -8.48 22.87 -1.15
CA VAL C 66 -9.10 23.80 -0.21
C VAL C 66 -8.09 24.47 0.73
N GLU C 67 -6.84 23.97 0.78
CA GLU C 67 -5.82 24.52 1.67
C GLU C 67 -5.60 26.03 1.41
N GLY C 68 -5.55 26.82 2.47
CA GLY C 68 -5.42 28.27 2.34
C GLY C 68 -6.75 29.01 2.14
N ARG C 69 -7.83 28.30 1.81
CA ARG C 69 -9.16 28.91 1.63
C ARG C 69 -10.10 28.45 2.77
N PHE C 70 -9.92 27.21 3.24
CA PHE C 70 -10.78 26.65 4.27
C PHE C 70 -10.03 26.57 5.59
N THR C 71 -10.73 26.81 6.69
CA THR C 71 -10.14 26.68 8.01
C THR C 71 -11.05 25.86 8.91
N VAL C 72 -10.56 24.72 9.40
CA VAL C 72 -11.34 23.91 10.34
C VAL C 72 -10.98 24.35 11.76
N SER C 73 -11.94 24.33 12.67
CA SER C 73 -11.71 24.64 14.07
C SER C 73 -12.79 23.93 14.90
N ARG C 74 -12.65 23.93 16.23
CA ARG C 74 -13.64 23.31 17.10
C ARG C 74 -13.67 24.03 18.44
N ASP C 75 -14.79 23.91 19.14
CA ASP C 75 -14.95 24.50 20.47
C ASP C 75 -15.45 23.36 21.33
N ASN C 76 -14.57 22.70 22.08
CA ASN C 76 -14.94 21.52 22.88
C ASN C 76 -15.95 21.86 24.00
N SER C 77 -15.91 23.09 24.55
CA SER C 77 -16.87 23.52 25.58
C SER C 77 -18.30 23.69 25.01
N ARG C 78 -18.43 23.91 23.70
CA ARG C 78 -19.74 24.03 23.06
C ARG C 78 -20.09 22.78 22.22
N SER C 79 -19.27 21.71 22.26
CA SER C 79 -19.45 20.46 21.49
C SER C 79 -19.69 20.77 20.01
N SER C 80 -18.93 21.73 19.47
CA SER C 80 -19.13 22.16 18.10
C SER C 80 -17.88 22.10 17.22
N LEU C 81 -18.08 21.77 15.94
CA LEU C 81 -17.02 21.76 14.93
C LEU C 81 -17.36 22.86 13.91
N TYR C 82 -16.36 23.53 13.33
CA TYR C 82 -16.60 24.60 12.35
C TYR C 82 -15.75 24.43 11.10
N LEU C 83 -16.20 25.02 10.01
CA LEU C 83 -15.43 25.07 8.78
C LEU C 83 -15.71 26.45 8.15
N GLN C 84 -14.70 27.34 8.15
CA GLN C 84 -14.82 28.65 7.51
C GLN C 84 -14.37 28.43 6.06
N ILE C 85 -15.26 28.62 5.10
CA ILE C 85 -14.94 28.34 3.69
C ILE C 85 -14.92 29.62 2.89
N ASN C 86 -13.74 29.99 2.38
CA ASN C 86 -13.55 31.29 1.70
C ASN C 86 -13.21 31.18 0.22
N ASN C 87 -13.34 32.31 -0.51
CA ASN C 87 -13.04 32.43 -1.94
C ASN C 87 -13.69 31.28 -2.71
N LEU C 88 -15.01 31.14 -2.52
CA LEU C 88 -15.74 30.01 -3.02
C LEU C 88 -15.84 29.97 -4.51
N ARG C 89 -15.80 28.75 -5.06
CA ARG C 89 -15.93 28.59 -6.50
C ARG C 89 -16.90 27.47 -6.82
N ALA C 90 -17.21 27.27 -8.12
CA ALA C 90 -18.14 26.25 -8.56
C ALA C 90 -17.84 24.85 -7.97
N GLY C 91 -16.54 24.50 -7.87
CA GLY C 91 -16.07 23.25 -7.30
C GLY C 91 -16.38 23.07 -5.82
N ASP C 92 -16.81 24.14 -5.12
CA ASP C 92 -17.16 24.03 -3.70
C ASP C 92 -18.65 23.72 -3.46
N THR C 93 -19.51 23.79 -4.50
CA THR C 93 -20.92 23.45 -4.34
C THR C 93 -21.03 21.97 -3.95
N ALA C 94 -21.71 21.68 -2.83
CA ALA C 94 -21.78 20.30 -2.31
C ALA C 94 -22.58 20.29 -1.01
N VAL C 95 -23.02 19.10 -0.60
CA VAL C 95 -23.55 18.85 0.71
C VAL C 95 -22.28 18.65 1.57
N TYR C 96 -22.18 19.38 2.68
CA TYR C 96 -21.02 19.30 3.57
C TYR C 96 -21.45 18.54 4.82
N HIS C 97 -20.83 17.40 5.06
CA HIS C 97 -21.09 16.57 6.21
C HIS C 97 -19.98 16.69 7.22
N CYS C 98 -20.39 16.78 8.48
CA CYS C 98 -19.43 16.67 9.56
CA CYS C 98 -19.58 16.72 9.69
C CYS C 98 -19.46 15.19 9.98
N ALA C 99 -18.30 14.68 10.37
CA ALA C 99 -18.14 13.27 10.65
C ALA C 99 -17.18 13.02 11.80
N ARG C 100 -17.45 11.98 12.57
CA ARG C 100 -16.68 11.62 13.73
C ARG C 100 -15.70 10.52 13.35
N ASP C 101 -14.40 10.73 13.62
CA ASP C 101 -13.39 9.72 13.27
C ASP C 101 -13.49 8.50 14.21
N HIS C 102 -13.68 7.33 13.62
CA HIS C 102 -13.75 6.04 14.34
C HIS C 102 -12.35 5.51 14.72
N GLY C 103 -11.29 6.11 14.18
CA GLY C 103 -9.92 5.72 14.47
C GLY C 103 -9.58 5.87 15.92
N GLY C 104 -8.77 4.95 16.43
CA GLY C 104 -8.32 4.99 17.80
C GLY C 104 -6.81 5.15 17.89
N ASN C 105 -6.32 5.57 19.05
CA ASN C 105 -4.88 5.74 19.24
C ASN C 105 -4.14 4.42 19.37
N ASP C 106 -4.82 3.33 19.78
CA ASP C 106 -4.17 2.04 19.98
C ASP C 106 -3.48 1.56 18.70
N TYR C 107 -4.21 1.64 17.57
CA TYR C 107 -3.72 1.21 16.27
C TYR C 107 -3.36 2.38 15.33
N GLY C 108 -3.88 3.57 15.61
CA GLY C 108 -3.62 4.74 14.77
C GLY C 108 -4.40 4.70 13.46
N ASP C 109 -5.55 4.01 13.46
CA ASP C 109 -6.39 3.79 12.27
C ASP C 109 -7.34 4.96 11.95
N PHE C 110 -6.81 6.18 11.98
CA PHE C 110 -7.58 7.39 11.70
C PHE C 110 -7.98 7.53 10.23
N GLY C 111 -9.00 8.34 9.98
CA GLY C 111 -9.42 8.65 8.62
C GLY C 111 -10.69 7.97 8.16
N HIS C 112 -11.41 7.27 9.02
CA HIS C 112 -12.71 6.65 8.67
C HIS C 112 -13.72 7.02 9.75
N PHE C 113 -15.00 7.01 9.40
CA PHE C 113 -15.99 7.71 10.21
C PHE C 113 -17.19 6.87 10.67
N ASP C 114 -17.43 6.82 11.98
CA ASP C 114 -18.54 6.02 12.51
C ASP C 114 -19.81 6.82 12.82
N LEU C 115 -19.79 8.11 12.58
CA LEU C 115 -20.96 8.95 12.82
C LEU C 115 -20.87 10.12 11.85
N TRP C 116 -21.96 10.38 11.15
CA TRP C 116 -22.05 11.46 10.16
C TRP C 116 -23.32 12.27 10.42
N GLY C 117 -23.31 13.50 9.98
CA GLY C 117 -24.54 14.29 9.95
C GLY C 117 -25.18 14.17 8.58
N ARG C 118 -26.43 14.61 8.45
CA ARG C 118 -27.13 14.60 7.16
C ARG C 118 -26.51 15.60 6.15
N GLY C 119 -25.87 16.63 6.67
CA GLY C 119 -25.18 17.62 5.87
C GLY C 119 -25.85 18.97 5.79
N THR C 120 -25.08 20.00 5.40
CA THR C 120 -25.58 21.34 5.15
C THR C 120 -25.26 21.66 3.68
N LEU C 121 -26.17 22.33 2.98
CA LEU C 121 -26.04 22.59 1.55
C LEU C 121 -25.32 23.85 1.21
N VAL C 122 -24.29 23.78 0.36
CA VAL C 122 -23.58 24.97 -0.09
C VAL C 122 -23.78 25.06 -1.58
N THR C 123 -24.44 26.11 -2.05
CA THR C 123 -24.71 26.27 -3.47
C THR C 123 -24.05 27.53 -3.94
N VAL C 124 -23.00 27.40 -4.74
CA VAL C 124 -22.31 28.54 -5.28
C VAL C 124 -22.98 28.88 -6.60
N SER C 125 -23.49 30.12 -6.73
CA SER C 125 -24.23 30.51 -7.93
C SER C 125 -23.33 30.54 -9.18
N SER C 126 -23.95 30.48 -10.37
CA SER C 126 -23.22 30.53 -11.63
C SER C 126 -24.02 31.20 -12.75
N SER C 146 0.52 10.29 -5.55
CA SER C 146 -0.72 10.11 -6.31
C SER C 146 -1.85 9.62 -5.41
N GLU C 147 -3.05 10.17 -5.60
CA GLU C 147 -4.21 9.76 -4.81
C GLU C 147 -4.66 8.35 -5.24
N ILE C 148 -5.14 7.55 -4.30
CA ILE C 148 -5.66 6.24 -4.62
C ILE C 148 -7.09 6.40 -5.18
N VAL C 149 -7.35 5.83 -6.36
CA VAL C 149 -8.65 5.88 -7.00
C VAL C 149 -9.38 4.59 -6.69
N LEU C 150 -10.62 4.68 -6.19
CA LEU C 150 -11.43 3.51 -5.90
C LEU C 150 -12.53 3.45 -6.94
N THR C 151 -12.65 2.29 -7.60
CA THR C 151 -13.65 2.09 -8.63
C THR C 151 -14.62 1.04 -8.13
N GLN C 152 -15.89 1.41 -7.98
CA GLN C 152 -16.91 0.48 -7.55
C GLN C 152 -17.64 -0.09 -8.73
N SER C 153 -17.97 -1.37 -8.66
CA SER C 153 -18.77 -2.00 -9.70
C SER C 153 -19.72 -3.00 -9.09
N PRO C 154 -20.90 -3.18 -9.71
CA PRO C 154 -21.46 -2.36 -10.81
C PRO C 154 -21.94 -1.00 -10.28
N GLY C 155 -22.29 -0.06 -11.16
CA GLY C 155 -22.79 1.23 -10.73
C GLY C 155 -24.18 1.11 -10.11
N THR C 156 -25.00 0.18 -10.63
CA THR C 156 -26.36 -0.06 -10.15
C THR C 156 -26.61 -1.57 -10.12
N LEU C 157 -27.26 -2.03 -9.07
CA LEU C 157 -27.62 -3.43 -8.90
C LEU C 157 -29.14 -3.44 -8.68
N SER C 158 -29.89 -4.15 -9.54
CA SER C 158 -31.34 -4.21 -9.47
C SER C 158 -31.72 -5.62 -9.00
N LEU C 159 -32.24 -5.74 -7.76
CA LEU C 159 -32.49 -7.04 -7.16
C LEU C 159 -33.90 -7.23 -6.59
N SER C 160 -34.28 -8.49 -6.34
CA SER C 160 -35.57 -8.85 -5.79
C SER C 160 -35.51 -8.99 -4.26
N PRO C 161 -36.64 -8.77 -3.55
CA PRO C 161 -36.69 -9.00 -2.10
C PRO C 161 -36.18 -10.39 -1.69
N GLY C 162 -35.29 -10.44 -0.70
CA GLY C 162 -34.75 -11.70 -0.22
C GLY C 162 -33.49 -12.17 -0.91
N GLU C 163 -33.17 -11.57 -2.07
CA GLU C 163 -31.97 -11.89 -2.84
C GLU C 163 -30.73 -11.28 -2.13
N GLY C 164 -29.55 -11.77 -2.48
CA GLY C 164 -28.30 -11.25 -1.94
C GLY C 164 -27.62 -10.30 -2.92
N ALA C 165 -26.61 -9.54 -2.43
CA ALA C 165 -25.86 -8.62 -3.27
C ALA C 165 -24.33 -8.82 -3.06
N THR C 166 -23.56 -8.65 -4.13
CA THR C 166 -22.11 -8.74 -4.08
C THR C 166 -21.58 -7.45 -4.70
N LEU C 167 -20.92 -6.61 -3.89
CA LEU C 167 -20.45 -5.29 -4.32
C LEU C 167 -18.93 -5.26 -4.37
N SER C 168 -18.38 -4.67 -5.42
CA SER C 168 -16.94 -4.66 -5.61
C SER C 168 -16.35 -3.24 -5.44
N CYS C 169 -15.15 -3.15 -4.86
CA CYS C 169 -14.43 -1.89 -4.70
C CYS C 169 -12.97 -2.21 -5.05
N ARG C 170 -12.49 -1.67 -6.17
CA ARG C 170 -11.12 -1.91 -6.60
C ARG C 170 -10.27 -0.66 -6.48
N ALA C 171 -9.11 -0.77 -5.83
CA ALA C 171 -8.22 0.37 -5.62
C ALA C 171 -7.09 0.39 -6.63
N SER C 172 -6.66 1.59 -7.03
CA SER C 172 -5.56 1.74 -8.00
C SER C 172 -4.18 1.42 -7.40
N GLN C 173 -4.07 1.42 -6.07
CA GLN C 173 -2.86 1.06 -5.34
C GLN C 173 -3.27 0.16 -4.19
N ARG C 174 -2.34 -0.64 -3.69
CA ARG C 174 -2.53 -1.47 -2.50
C ARG C 174 -3.01 -0.59 -1.32
N VAL C 175 -4.08 -1.01 -0.64
CA VAL C 175 -4.62 -0.22 0.48
C VAL C 175 -3.91 -0.67 1.73
N SER C 176 -3.08 0.22 2.29
CA SER C 176 -2.27 -0.13 3.45
C SER C 176 -3.11 -0.56 4.65
N ASN C 177 -2.65 -1.65 5.32
CA ASN C 177 -3.26 -2.16 6.55
C ASN C 177 -4.70 -2.62 6.40
N ASN C 178 -5.14 -2.85 5.17
CA ASN C 178 -6.53 -3.21 4.88
C ASN C 178 -7.49 -2.13 5.39
N TYR C 179 -7.06 -0.87 5.39
CA TYR C 179 -7.87 0.22 5.86
C TYR C 179 -8.87 0.60 4.76
N LEU C 180 -9.91 -0.20 4.65
CA LEU C 180 -10.97 -0.06 3.65
C LEU C 180 -12.28 -0.10 4.42
N ALA C 181 -13.06 0.95 4.30
CA ALA C 181 -14.34 1.05 4.98
C ALA C 181 -15.48 0.99 3.97
N TRP C 182 -16.64 0.49 4.42
CA TRP C 182 -17.87 0.50 3.63
C TRP C 182 -18.91 1.28 4.38
N TYR C 183 -19.67 2.11 3.66
CA TYR C 183 -20.74 2.93 4.22
C TYR C 183 -22.03 2.66 3.50
N GLN C 184 -23.14 2.84 4.20
CA GLN C 184 -24.47 2.72 3.64
C GLN C 184 -25.08 4.10 3.65
N HIS C 185 -25.73 4.52 2.56
CA HIS C 185 -26.37 5.81 2.48
C HIS C 185 -27.81 5.61 2.01
N ARG C 186 -28.75 5.75 2.93
CA ARG C 186 -30.20 5.68 2.63
C ARG C 186 -30.69 7.09 2.30
N PRO C 187 -31.66 7.22 1.38
CA PRO C 187 -32.16 8.57 1.05
C PRO C 187 -32.75 9.28 2.28
N GLY C 188 -32.37 10.53 2.46
CA GLY C 188 -32.82 11.32 3.59
C GLY C 188 -32.07 11.08 4.89
N GLN C 189 -31.10 10.15 4.89
CA GLN C 189 -30.36 9.81 6.11
C GLN C 189 -28.88 10.12 5.99
N ALA C 190 -28.23 10.33 7.13
CA ALA C 190 -26.79 10.50 7.19
C ALA C 190 -26.16 9.16 6.84
N PRO C 191 -24.98 9.15 6.17
CA PRO C 191 -24.30 7.87 5.92
C PRO C 191 -24.01 7.12 7.23
N ARG C 192 -23.90 5.81 7.13
CA ARG C 192 -23.69 4.95 8.28
C ARG C 192 -22.52 4.02 7.99
N LEU C 193 -21.60 3.89 8.95
CA LEU C 193 -20.47 2.99 8.78
C LEU C 193 -20.96 1.54 8.91
N LEU C 194 -20.60 0.68 7.95
CA LEU C 194 -20.99 -0.74 8.03
C LEU C 194 -19.77 -1.57 8.41
N ILE C 195 -18.65 -1.36 7.68
CA ILE C 195 -17.43 -2.14 7.84
C ILE C 195 -16.24 -1.24 7.96
N TYR C 196 -15.27 -1.61 8.79
CA TYR C 196 -13.99 -0.91 8.85
C TYR C 196 -12.87 -1.99 8.80
N GLY C 197 -11.65 -1.59 8.44
CA GLY C 197 -10.54 -2.55 8.38
C GLY C 197 -10.82 -3.70 7.42
N ALA C 198 -11.57 -3.41 6.34
CA ALA C 198 -12.01 -4.32 5.26
C ALA C 198 -12.99 -5.43 5.69
N SER C 199 -12.91 -5.97 6.93
CA SER C 199 -13.75 -7.09 7.35
C SER C 199 -14.43 -6.92 8.71
N SER C 200 -14.12 -5.86 9.47
CA SER C 200 -14.74 -5.70 10.80
C SER C 200 -16.10 -5.01 10.72
N ARG C 201 -17.16 -5.66 11.25
CA ARG C 201 -18.47 -5.05 11.29
C ARG C 201 -18.52 -3.99 12.38
N ALA C 202 -19.08 -2.81 12.08
CA ALA C 202 -19.24 -1.77 13.10
C ALA C 202 -20.34 -2.19 14.12
N THR C 203 -20.34 -1.57 15.31
CA THR C 203 -21.32 -1.85 16.38
C THR C 203 -22.76 -1.72 15.89
N GLY C 204 -23.56 -2.76 16.09
CA GLY C 204 -24.96 -2.75 15.69
C GLY C 204 -25.26 -3.20 14.27
N ILE C 205 -24.22 -3.43 13.45
CA ILE C 205 -24.42 -3.88 12.08
C ILE C 205 -24.75 -5.35 12.07
N PRO C 206 -25.87 -5.74 11.44
CA PRO C 206 -26.24 -7.16 11.45
C PRO C 206 -25.27 -8.05 10.68
N ASP C 207 -25.28 -9.35 11.03
CA ASP C 207 -24.46 -10.42 10.46
C ASP C 207 -24.58 -10.55 8.95
N ARG C 208 -25.74 -10.15 8.38
CA ARG C 208 -25.94 -10.27 6.94
C ARG C 208 -25.00 -9.39 6.10
N PHE C 209 -24.33 -8.41 6.72
CA PHE C 209 -23.34 -7.59 6.00
C PHE C 209 -21.96 -8.20 6.25
N ARG C 210 -21.28 -8.64 5.20
CA ARG C 210 -19.94 -9.19 5.34
C ARG C 210 -18.93 -8.47 4.43
N GLY C 211 -17.86 -7.94 5.02
CA GLY C 211 -16.77 -7.33 4.26
C GLY C 211 -15.62 -8.31 4.11
N SER C 212 -14.98 -8.32 2.94
CA SER C 212 -13.84 -9.20 2.68
C SER C 212 -12.88 -8.60 1.64
N GLY C 213 -11.72 -9.25 1.45
CA GLY C 213 -10.72 -8.82 0.48
C GLY C 213 -9.47 -8.25 1.13
N SER C 214 -8.47 -7.96 0.30
CA SER C 214 -7.18 -7.39 0.69
C SER C 214 -6.46 -6.81 -0.55
N GLY C 215 -5.41 -6.02 -0.33
CA GLY C 215 -4.60 -5.44 -1.39
C GLY C 215 -5.34 -4.39 -2.19
N THR C 216 -5.83 -4.76 -3.38
CA THR C 216 -6.57 -3.83 -4.21
C THR C 216 -8.00 -4.24 -4.48
N ASP C 217 -8.42 -5.46 -4.11
CA ASP C 217 -9.76 -5.95 -4.43
C ASP C 217 -10.56 -6.21 -3.18
N PHE C 218 -11.63 -5.47 -3.01
CA PHE C 218 -12.46 -5.57 -1.83
C PHE C 218 -13.91 -5.86 -2.16
N THR C 219 -14.61 -6.58 -1.29
CA THR C 219 -15.98 -6.97 -1.55
C THR C 219 -16.88 -6.76 -0.34
N LEU C 220 -18.12 -6.29 -0.57
CA LEU C 220 -19.15 -6.23 0.45
C LEU C 220 -20.26 -7.20 -0.01
N THR C 221 -20.61 -8.18 0.82
CA THR C 221 -21.71 -9.08 0.50
C THR C 221 -22.87 -8.85 1.47
N ILE C 222 -24.10 -8.84 0.95
CA ILE C 222 -25.29 -8.69 1.78
C ILE C 222 -26.10 -9.97 1.49
N SER C 223 -26.17 -10.91 2.43
CA SER C 223 -26.77 -12.23 2.16
C SER C 223 -28.26 -12.23 1.85
N ARG C 224 -29.04 -11.31 2.44
CA ARG C 224 -30.48 -11.29 2.20
C ARG C 224 -30.97 -9.89 2.44
N LEU C 225 -31.42 -9.22 1.39
CA LEU C 225 -31.86 -7.84 1.49
C LEU C 225 -33.22 -7.63 2.11
N GLU C 226 -33.24 -6.86 3.19
CA GLU C 226 -34.43 -6.34 3.84
C GLU C 226 -34.78 -5.00 3.15
N PRO C 227 -36.01 -4.46 3.29
CA PRO C 227 -36.35 -3.20 2.62
C PRO C 227 -35.36 -2.06 2.87
N GLU C 228 -34.89 -1.92 4.13
CA GLU C 228 -33.96 -0.87 4.53
C GLU C 228 -32.56 -1.02 3.89
N ASP C 229 -32.23 -2.20 3.32
CA ASP C 229 -30.94 -2.44 2.70
C ASP C 229 -30.82 -1.91 1.26
N PHE C 230 -31.94 -1.50 0.62
CA PHE C 230 -31.86 -0.95 -0.72
C PHE C 230 -31.41 0.48 -0.51
N ALA C 231 -30.14 0.73 -0.84
CA ALA C 231 -29.51 2.00 -0.51
C ALA C 231 -28.25 2.17 -1.44
N VAL C 232 -27.55 3.30 -1.34
CA VAL C 232 -26.27 3.47 -2.02
C VAL C 232 -25.18 2.99 -1.03
N TYR C 233 -24.21 2.19 -1.50
CA TYR C 233 -23.11 1.71 -0.69
C TYR C 233 -21.84 2.26 -1.29
N PHE C 234 -21.02 2.93 -0.47
CA PHE C 234 -19.77 3.48 -0.98
C PHE C 234 -18.58 3.05 -0.12
N CYS C 235 -17.45 2.85 -0.76
CA CYS C 235 -16.20 2.44 -0.09
C CYS C 235 -15.26 3.61 0.10
N GLN C 236 -14.26 3.45 0.96
CA GLN C 236 -13.30 4.48 1.27
C GLN C 236 -12.04 3.83 1.74
N GLN C 237 -10.91 4.32 1.26
CA GLN C 237 -9.63 3.87 1.74
C GLN C 237 -9.08 4.93 2.68
N TYR C 238 -8.54 4.49 3.80
CA TYR C 238 -7.88 5.40 4.74
C TYR C 238 -6.48 4.85 5.11
N GLY C 239 -5.87 4.06 4.22
CA GLY C 239 -4.55 3.49 4.43
C GLY C 239 -3.44 4.44 4.08
N SER C 240 -3.70 5.37 3.15
CA SER C 240 -2.68 6.33 2.72
C SER C 240 -2.54 7.45 3.75
N ALA C 241 -1.51 8.29 3.58
CA ALA C 241 -1.46 9.58 4.24
C ALA C 241 -2.63 10.40 3.57
N PRO C 242 -3.14 11.46 4.20
CA PRO C 242 -4.19 12.28 3.54
C PRO C 242 -3.74 12.72 2.13
N PRO C 243 -4.65 12.75 1.15
CA PRO C 243 -6.10 12.60 1.29
C PRO C 243 -6.61 11.16 1.29
N TRP C 244 -7.66 10.95 2.07
CA TRP C 244 -8.34 9.67 2.07
C TRP C 244 -9.41 9.77 1.03
N THR C 245 -9.62 8.68 0.25
CA THR C 245 -10.49 8.77 -0.92
C THR C 245 -11.63 7.79 -0.91
N PHE C 246 -12.67 8.08 -1.68
CA PHE C 246 -13.89 7.29 -1.70
C PHE C 246 -14.22 6.80 -3.10
N GLY C 247 -14.93 5.67 -3.18
CA GLY C 247 -15.48 5.19 -4.43
C GLY C 247 -16.73 5.99 -4.80
N GLN C 248 -17.22 5.82 -6.01
CA GLN C 248 -18.39 6.57 -6.49
C GLN C 248 -19.75 5.99 -6.03
N GLY C 249 -19.74 4.80 -5.43
CA GLY C 249 -20.93 4.18 -4.89
C GLY C 249 -21.63 3.22 -5.83
N THR C 250 -22.34 2.23 -5.25
CA THR C 250 -23.19 1.33 -6.00
C THR C 250 -24.59 1.49 -5.44
N LYS C 251 -25.57 1.80 -6.31
CA LYS C 251 -26.93 1.93 -5.86
C LYS C 251 -27.59 0.54 -5.92
N VAL C 252 -28.09 0.05 -4.79
CA VAL C 252 -28.79 -1.25 -4.77
C VAL C 252 -30.28 -0.91 -4.75
N GLU C 253 -30.98 -1.28 -5.81
CA GLU C 253 -32.39 -0.93 -5.96
C GLU C 253 -33.29 -2.14 -6.16
N ILE C 254 -34.57 -1.97 -5.89
CA ILE C 254 -35.54 -3.03 -6.04
C ILE C 254 -35.93 -3.17 -7.50
N LYS C 255 -35.82 -4.38 -8.05
CA LYS C 255 -36.21 -4.68 -9.40
C LYS C 255 -37.75 -4.72 -9.39
N GLY C 256 -38.39 -3.61 -9.74
CA GLY C 256 -39.85 -3.51 -9.71
C GLY C 256 -40.56 -4.41 -10.69
N PRO C 257 -41.82 -4.79 -10.38
CA PRO C 257 -42.57 -5.65 -11.31
C PRO C 257 -43.12 -4.91 -12.52
N PHE C 258 -43.14 -3.57 -12.49
CA PHE C 258 -43.63 -2.74 -13.58
C PHE C 258 -42.48 -2.01 -14.28
C1 GOL D . 25.81 -19.66 -5.16
O1 GOL D . 25.87 -18.75 -4.07
C2 GOL D . 26.75 -19.24 -6.26
O2 GOL D . 27.15 -20.39 -7.02
C3 GOL D . 26.15 -18.20 -7.18
O3 GOL D . 26.03 -16.93 -6.55
C1 GOL E . 2.78 -7.67 -0.39
O1 GOL E . 3.70 -8.46 -1.15
C2 GOL E . 3.07 -7.73 1.10
O2 GOL E . 2.71 -9.03 1.63
C3 GOL E . 4.51 -7.43 1.44
O3 GOL E . 4.87 -6.12 0.99
C1 GOL F . 2.23 -4.35 5.15
O1 GOL F . 3.55 -4.22 5.61
C2 GOL F . 2.17 -4.90 3.75
O2 GOL F . 3.05 -4.17 2.88
C3 GOL F . 2.47 -6.38 3.71
O3 GOL F . 1.68 -7.08 4.67
C1 GOL G . 16.91 -12.58 24.40
O1 GOL G . 16.95 -13.23 23.14
C2 GOL G . 16.05 -13.34 25.37
O2 GOL G . 16.04 -12.71 26.66
C3 GOL G . 14.64 -13.54 24.87
O3 GOL G . 14.55 -14.70 24.06
C1 GOL H . 5.50 15.89 16.35
O1 GOL H . 4.58 16.30 15.35
C2 GOL H . 4.80 15.10 17.43
O2 GOL H . 5.75 14.67 18.41
C3 GOL H . 3.69 15.87 18.09
O3 GOL H . 3.12 15.15 19.18
P PO4 I . 8.85 8.31 4.57
O1 PO4 I . 9.95 8.59 3.57
O2 PO4 I . 9.16 9.08 5.87
O3 PO4 I . 7.48 8.77 4.03
O4 PO4 I . 8.75 6.81 4.88
K K J . 1.56 4.52 2.53
C1 GOL K . -8.05 -3.61 14.59
O1 GOL K . -8.81 -4.02 15.72
C2 GOL K . -7.84 -2.12 14.59
O2 GOL K . -7.08 -1.71 13.45
C3 GOL K . -9.14 -1.34 14.64
O3 GOL K . -9.75 -1.46 15.91
P PO4 L . -30.50 -2.52 10.00
O1 PO4 L . -29.53 -2.46 8.84
O2 PO4 L . -29.75 -2.42 11.35
O3 PO4 L . -31.50 -1.33 9.90
O4 PO4 L . -31.30 -3.84 9.97
#